data_5V4A
#
_entry.id   5V4A
#
_cell.length_a   42.650
_cell.length_b   99.860
_cell.length_c   140.120
_cell.angle_alpha   90.00
_cell.angle_beta   90.00
_cell.angle_gamma   90.00
#
_symmetry.space_group_name_H-M   'P 2 21 21'
#
loop_
_entity.id
_entity.type
_entity.pdbx_description
1 polymer 'GLYCOSYLTRANSFERASE (DUF1792)'
2 non-polymer "URIDINE-5'-DIPHOSPHATE"
3 water water
#
_entity_poly.entity_id   1
_entity_poly.type   'polypeptide(L)'
_entity_poly.pdbx_seq_one_letter_code
;PEERQISVLSINQSLDYLLEKGASVVRFGDGEMDLVAGRSIVYQDFDPELSARLREIMSMESDERLMVCLPDVFTGLERY
SIDAQNFWSLNHLPHFLEKYKNICRAPWYGSTFISRPYIDLEDKTPSVGYFAKLKQLWQDKDLLIVEGLTSRSGVGNDLF
DGARSIKRIICPSRNAYSKLEAIKQAVREHADNRLILTMLGPTAKVLVYDLVQEGYRALDIGHIDSEYEWFQMGASHKVK
LSHKHTAEHNFDQDIEFRDDQAYDSQIVANLAQE
;
_entity_poly.pdbx_strand_id   A,B
#
loop_
_chem_comp.id
_chem_comp.type
_chem_comp.name
_chem_comp.formula
UDP RNA linking URIDINE-5'-DIPHOSPHATE 'C9 H14 N2 O12 P2'
#
# COMPACT_ATOMS: atom_id res chain seq x y z
N GLN A 5 -17.88 -20.81 -13.38
CA GLN A 5 -17.20 -21.04 -12.11
C GLN A 5 -17.04 -19.75 -11.29
N ILE A 6 -16.67 -19.93 -10.03
CA ILE A 6 -16.58 -18.86 -9.06
C ILE A 6 -15.39 -17.96 -9.39
N SER A 7 -15.61 -16.66 -9.36
CA SER A 7 -14.61 -15.65 -9.70
C SER A 7 -14.13 -15.00 -8.41
N VAL A 8 -12.85 -15.18 -8.09
CA VAL A 8 -12.27 -14.64 -6.86
C VAL A 8 -11.20 -13.62 -7.23
N LEU A 9 -11.25 -12.44 -6.61
CA LEU A 9 -10.23 -11.44 -6.83
C LEU A 9 -8.89 -11.87 -6.24
N SER A 10 -7.81 -11.32 -6.77
CA SER A 10 -6.50 -11.44 -6.16
C SER A 10 -6.44 -10.64 -4.86
N ILE A 11 -5.37 -10.85 -4.09
CA ILE A 11 -5.11 -10.00 -2.93
C ILE A 11 -4.96 -8.54 -3.34
N ASN A 12 -4.26 -8.27 -4.43
CA ASN A 12 -4.10 -6.89 -4.87
C ASN A 12 -5.45 -6.27 -5.17
N GLN A 13 -6.29 -6.98 -5.90
CA GLN A 13 -7.59 -6.42 -6.27
C GLN A 13 -8.52 -6.29 -5.06
N SER A 14 -8.45 -7.22 -4.12
CA SER A 14 -9.32 -7.16 -2.94
C SER A 14 -8.93 -5.99 -2.05
N LEU A 15 -7.63 -5.83 -1.75
CA LEU A 15 -7.19 -4.72 -0.93
C LEU A 15 -7.53 -3.38 -1.59
N ASP A 16 -7.32 -3.26 -2.91
CA ASP A 16 -7.68 -2.03 -3.60
C ASP A 16 -9.18 -1.73 -3.50
N TYR A 17 -10.02 -2.76 -3.49
CA TYR A 17 -11.46 -2.54 -3.35
C TYR A 17 -11.79 -1.94 -2.00
N LEU A 18 -11.19 -2.47 -0.93
CA LEU A 18 -11.44 -1.95 0.41
C LEU A 18 -10.92 -0.52 0.56
N LEU A 19 -9.76 -0.22 -0.04
CA LEU A 19 -9.24 1.14 0.00
C LEU A 19 -10.11 2.11 -0.80
N GLU A 20 -10.56 1.67 -1.98
CA GLU A 20 -11.40 2.50 -2.84
C GLU A 20 -12.77 2.75 -2.23
N LYS A 21 -13.44 1.68 -1.77
CA LYS A 21 -14.84 1.78 -1.39
C LYS A 21 -15.05 1.96 0.10
N GLY A 22 -14.06 1.63 0.93
CA GLY A 22 -14.25 1.68 2.35
C GLY A 22 -15.17 0.60 2.88
N ALA A 23 -15.34 -0.49 2.12
CA ALA A 23 -16.27 -1.54 2.50
C ALA A 23 -15.76 -2.31 3.71
N SER A 24 -16.71 -2.91 4.43
CA SER A 24 -16.39 -3.95 5.39
C SER A 24 -16.00 -5.23 4.64
N VAL A 25 -15.42 -6.19 5.34
CA VAL A 25 -15.03 -7.43 4.67
C VAL A 25 -15.27 -8.63 5.57
N VAL A 26 -15.74 -9.72 4.96
CA VAL A 26 -15.88 -11.04 5.58
C VAL A 26 -15.22 -12.06 4.67
N ARG A 27 -14.41 -12.94 5.25
CA ARG A 27 -13.65 -13.92 4.50
C ARG A 27 -14.05 -15.31 4.98
N PHE A 28 -14.20 -16.23 4.04
CA PHE A 28 -14.52 -17.61 4.39
C PHE A 28 -13.39 -18.49 3.93
N GLY A 29 -12.86 -19.31 4.84
CA GLY A 29 -11.81 -20.25 4.50
C GLY A 29 -12.24 -21.68 4.71
N ASP A 30 -11.26 -22.59 4.78
CA ASP A 30 -11.55 -24.01 4.87
C ASP A 30 -12.23 -24.37 6.19
N GLY A 31 -11.95 -23.65 7.27
CA GLY A 31 -12.58 -23.97 8.53
C GLY A 31 -14.06 -23.65 8.55
N GLU A 32 -14.47 -22.60 7.83
CA GLU A 32 -15.90 -22.27 7.75
C GLU A 32 -16.65 -23.30 6.91
N MET A 33 -16.06 -23.72 5.79
CA MET A 33 -16.68 -24.77 4.98
C MET A 33 -16.75 -26.08 5.76
N ASP A 34 -15.75 -26.35 6.61
CA ASP A 34 -15.82 -27.51 7.51
C ASP A 34 -17.09 -27.46 8.34
N LEU A 35 -17.36 -26.31 8.96
CA LEU A 35 -18.54 -26.16 9.81
C LEU A 35 -19.83 -26.21 8.99
N VAL A 36 -19.84 -25.63 7.80
CA VAL A 36 -21.02 -25.70 6.95
C VAL A 36 -21.32 -27.12 6.53
N ALA A 37 -20.30 -27.98 6.53
CA ALA A 37 -20.47 -29.40 6.28
C ALA A 37 -20.83 -30.18 7.54
N GLY A 38 -21.08 -29.49 8.66
CA GLY A 38 -21.49 -30.16 9.89
C GLY A 38 -20.36 -30.74 10.71
N ARG A 39 -19.15 -30.18 10.59
CA ARG A 39 -17.95 -30.68 11.27
C ARG A 39 -17.42 -29.63 12.21
N SER A 40 -16.99 -30.05 13.41
CA SER A 40 -16.34 -29.12 14.32
C SER A 40 -14.93 -28.83 13.81
N ILE A 41 -14.41 -27.67 14.19
CA ILE A 41 -13.00 -27.34 13.94
C ILE A 41 -12.31 -27.11 15.29
N VAL A 42 -10.98 -27.00 15.25
CA VAL A 42 -10.21 -27.06 16.50
C VAL A 42 -10.61 -25.93 17.45
N TYR A 43 -10.74 -24.70 16.97
CA TYR A 43 -11.15 -23.65 17.91
C TYR A 43 -12.61 -23.24 17.76
N GLN A 44 -13.45 -24.06 17.14
CA GLN A 44 -14.89 -23.81 17.15
C GLN A 44 -15.65 -25.11 16.99
N ASP A 45 -16.37 -25.53 18.05
CA ASP A 45 -17.24 -26.69 17.95
C ASP A 45 -18.44 -26.43 17.04
N PHE A 46 -18.94 -27.50 16.44
CA PHE A 46 -20.14 -27.39 15.63
C PHE A 46 -21.28 -26.83 16.45
N ASP A 47 -21.99 -25.87 15.87
CA ASP A 47 -23.21 -25.26 16.40
C ASP A 47 -24.12 -25.09 15.18
N PRO A 48 -25.34 -25.62 15.21
CA PRO A 48 -26.19 -25.57 14.02
C PRO A 48 -26.57 -24.15 13.64
N GLU A 49 -26.75 -23.25 14.61
CA GLU A 49 -27.09 -21.87 14.28
C GLU A 49 -25.93 -21.17 13.58
N LEU A 50 -24.71 -21.37 14.07
CA LEU A 50 -23.52 -20.83 13.41
C LEU A 50 -23.38 -21.32 11.98
N SER A 51 -23.39 -22.64 11.79
CA SER A 51 -23.16 -23.21 10.45
C SER A 51 -24.21 -22.72 9.45
N ALA A 52 -25.47 -22.66 9.86
CA ALA A 52 -26.50 -22.16 8.96
C ALA A 52 -26.28 -20.68 8.66
N ARG A 53 -25.82 -19.93 9.67
CA ARG A 53 -25.52 -18.52 9.46
C ARG A 53 -24.32 -18.33 8.54
N LEU A 54 -23.31 -19.20 8.64
CA LEU A 54 -22.15 -19.04 7.76
C LEU A 54 -22.53 -19.35 6.31
N ARG A 55 -23.28 -20.43 6.11
CA ARG A 55 -23.76 -20.77 4.78
C ARG A 55 -24.58 -19.63 4.19
N GLU A 56 -25.35 -18.94 5.04
CA GLU A 56 -26.20 -17.86 4.53
C GLU A 56 -25.35 -16.69 4.05
N ILE A 57 -24.30 -16.34 4.80
CA ILE A 57 -23.47 -15.20 4.43
C ILE A 57 -22.64 -15.52 3.20
N MET A 58 -22.15 -16.77 3.09
CA MET A 58 -21.35 -17.20 1.95
C MET A 58 -22.06 -17.03 0.63
N SER A 59 -23.39 -17.12 0.62
CA SER A 59 -24.17 -17.08 -0.60
C SER A 59 -24.51 -15.66 -1.05
N MET A 60 -24.06 -14.65 -0.31
CA MET A 60 -24.40 -13.25 -0.55
C MET A 60 -23.45 -12.61 -1.55
N GLU A 61 -23.94 -11.59 -2.25
CA GLU A 61 -23.14 -10.86 -3.23
C GLU A 61 -22.44 -9.67 -2.59
N SER A 62 -21.27 -9.34 -3.13
CA SER A 62 -20.43 -8.29 -2.60
C SER A 62 -20.81 -6.93 -3.19
N ASP A 63 -20.64 -5.88 -2.38
CA ASP A 63 -20.93 -4.52 -2.80
C ASP A 63 -20.13 -3.56 -1.94
N GLU A 64 -20.29 -2.26 -2.20
CA GLU A 64 -19.47 -1.25 -1.51
C GLU A 64 -19.68 -1.22 -0.01
N ARG A 65 -20.75 -1.84 0.50
CA ARG A 65 -20.97 -1.93 1.94
C ARG A 65 -20.21 -3.11 2.55
N LEU A 66 -20.12 -4.22 1.82
CA LEU A 66 -19.53 -5.43 2.38
C LEU A 66 -18.99 -6.30 1.28
N MET A 67 -17.71 -6.69 1.39
CA MET A 67 -17.08 -7.62 0.47
C MET A 67 -17.04 -9.00 1.11
N VAL A 68 -17.51 -10.01 0.38
CA VAL A 68 -17.52 -11.40 0.83
C VAL A 68 -16.38 -12.12 0.14
N CYS A 69 -15.56 -12.85 0.91
CA CYS A 69 -14.33 -13.46 0.39
C CYS A 69 -14.37 -14.98 0.47
N LEU A 70 -13.72 -15.61 -0.51
CA LEU A 70 -13.53 -17.05 -0.59
C LEU A 70 -12.05 -17.32 -0.81
N PRO A 71 -11.59 -18.54 -0.53
CA PRO A 71 -10.19 -18.86 -0.86
C PRO A 71 -9.96 -18.80 -2.36
N ASP A 72 -8.85 -18.19 -2.76
CA ASP A 72 -8.48 -18.03 -4.16
C ASP A 72 -7.78 -19.31 -4.65
N VAL A 73 -8.57 -20.38 -4.76
CA VAL A 73 -8.02 -21.73 -4.98
C VAL A 73 -8.67 -22.43 -6.16
N PHE A 74 -9.70 -21.82 -6.74
CA PHE A 74 -10.39 -22.49 -7.84
C PHE A 74 -9.62 -22.37 -9.15
N THR A 75 -8.48 -21.71 -9.15
CA THR A 75 -7.64 -21.60 -10.34
C THR A 75 -6.21 -21.29 -9.89
N GLY A 76 -5.28 -21.46 -10.82
CA GLY A 76 -3.90 -21.06 -10.62
C GLY A 76 -3.26 -21.39 -9.29
N LEU A 77 -3.36 -22.66 -8.86
CA LEU A 77 -2.76 -23.08 -7.60
C LEU A 77 -1.23 -23.03 -7.64
N GLU A 78 -0.62 -22.89 -8.82
CA GLU A 78 0.83 -22.72 -8.94
C GLU A 78 1.35 -21.50 -8.18
N ARG A 79 0.47 -20.61 -7.75
CA ARG A 79 0.89 -19.44 -6.99
C ARG A 79 1.33 -19.78 -5.58
N TYR A 80 1.01 -20.97 -5.10
CA TYR A 80 1.15 -21.29 -3.68
C TYR A 80 2.21 -22.36 -3.47
N SER A 81 2.63 -22.48 -2.21
CA SER A 81 3.56 -23.53 -1.83
C SER A 81 2.97 -24.91 -2.11
N ILE A 82 3.86 -25.90 -2.33
CA ILE A 82 3.42 -27.24 -2.68
C ILE A 82 2.57 -27.83 -1.55
N ASP A 83 2.86 -27.47 -0.29
CA ASP A 83 2.05 -27.94 0.81
C ASP A 83 0.63 -27.41 0.68
N ALA A 84 0.48 -26.13 0.36
CA ALA A 84 -0.85 -25.57 0.16
C ALA A 84 -1.52 -26.19 -1.06
N GLN A 85 -0.77 -26.35 -2.16
CA GLN A 85 -1.33 -26.97 -3.36
C GLN A 85 -1.90 -28.34 -3.04
N ASN A 86 -1.15 -29.14 -2.27
CA ASN A 86 -1.60 -30.48 -1.92
C ASN A 86 -2.85 -30.43 -1.05
N PHE A 87 -2.94 -29.45 -0.14
CA PHE A 87 -4.10 -29.37 0.74
C PHE A 87 -5.38 -29.06 -0.03
N TRP A 88 -5.36 -27.98 -0.82
CA TRP A 88 -6.57 -27.58 -1.54
C TRP A 88 -6.93 -28.59 -2.63
N SER A 89 -5.94 -29.07 -3.38
CA SER A 89 -6.21 -29.82 -4.59
C SER A 89 -6.47 -31.30 -4.34
N LEU A 90 -5.98 -31.84 -3.23
CA LEU A 90 -6.16 -33.26 -2.93
C LEU A 90 -6.97 -33.50 -1.66
N ASN A 91 -7.26 -32.46 -0.88
CA ASN A 91 -7.99 -32.60 0.37
C ASN A 91 -9.26 -31.76 0.41
N HIS A 92 -9.16 -30.45 0.26
CA HIS A 92 -10.32 -29.61 0.46
C HIS A 92 -11.30 -29.67 -0.72
N LEU A 93 -10.83 -29.33 -1.90
CA LEU A 93 -11.68 -29.24 -3.08
C LEU A 93 -12.24 -30.59 -3.51
N PRO A 94 -11.49 -31.70 -3.39
CA PRO A 94 -12.14 -33.01 -3.57
C PRO A 94 -13.40 -33.19 -2.72
N HIS A 95 -13.37 -32.80 -1.45
CA HIS A 95 -14.54 -32.93 -0.59
C HIS A 95 -15.63 -31.92 -0.96
N PHE A 96 -15.27 -30.64 -1.07
CA PHE A 96 -16.26 -29.57 -0.94
C PHE A 96 -16.47 -28.74 -2.21
N LEU A 97 -15.89 -29.12 -3.35
CA LEU A 97 -16.03 -28.26 -4.52
C LEU A 97 -17.49 -28.10 -4.93
N GLU A 98 -18.25 -29.19 -4.91
CA GLU A 98 -19.66 -29.12 -5.29
C GLU A 98 -20.48 -28.35 -4.27
N LYS A 99 -20.02 -28.24 -3.02
CA LYS A 99 -20.69 -27.38 -2.06
C LYS A 99 -20.40 -25.91 -2.36
N TYR A 100 -19.15 -25.59 -2.68
CA TYR A 100 -18.81 -24.22 -3.07
C TYR A 100 -19.66 -23.77 -4.26
N LYS A 101 -19.72 -24.60 -5.31
CA LYS A 101 -20.51 -24.24 -6.48
C LYS A 101 -22.00 -24.13 -6.15
N ASN A 102 -22.48 -24.90 -5.17
CA ASN A 102 -23.90 -24.84 -4.82
C ASN A 102 -24.23 -23.62 -3.97
N ILE A 103 -23.39 -23.27 -3.01
CA ILE A 103 -23.67 -22.14 -2.13
C ILE A 103 -23.25 -20.82 -2.77
N CYS A 104 -22.09 -20.78 -3.41
CA CYS A 104 -21.47 -19.53 -3.84
C CYS A 104 -21.83 -19.25 -5.30
N ARG A 105 -22.86 -18.44 -5.49
CA ARG A 105 -23.39 -18.14 -6.82
C ARG A 105 -23.36 -16.64 -7.12
N ALA A 106 -22.62 -15.88 -6.33
CA ALA A 106 -22.49 -14.45 -6.56
C ALA A 106 -21.62 -14.19 -7.79
N PRO A 107 -21.75 -13.01 -8.40
CA PRO A 107 -20.89 -12.68 -9.55
C PRO A 107 -19.40 -12.74 -9.24
N TRP A 108 -18.97 -12.24 -8.08
CA TRP A 108 -17.56 -12.20 -7.73
C TRP A 108 -17.39 -12.21 -6.22
N TYR A 109 -16.18 -12.57 -5.79
CA TYR A 109 -15.80 -12.60 -4.38
C TYR A 109 -14.41 -12.00 -4.22
N GLY A 110 -14.16 -11.43 -3.05
CA GLY A 110 -12.83 -11.03 -2.67
C GLY A 110 -12.01 -12.26 -2.29
N SER A 111 -10.73 -12.04 -2.00
CA SER A 111 -9.83 -13.13 -1.65
C SER A 111 -9.71 -13.25 -0.13
N THR A 112 -10.01 -14.45 0.40
CA THR A 112 -9.85 -14.69 1.82
C THR A 112 -8.39 -14.60 2.24
N PHE A 113 -7.48 -14.75 1.30
CA PHE A 113 -6.05 -14.66 1.60
C PHE A 113 -5.56 -13.21 1.75
N ILE A 114 -6.45 -12.22 1.85
CA ILE A 114 -5.98 -10.88 2.23
C ILE A 114 -5.43 -10.89 3.64
N SER A 115 -5.92 -11.80 4.48
CA SER A 115 -5.33 -12.13 5.77
C SER A 115 -4.09 -13.01 5.69
N ARG A 116 -3.88 -13.73 4.59
CA ARG A 116 -2.84 -14.77 4.51
C ARG A 116 -1.83 -14.44 3.40
N PRO A 117 -1.10 -13.36 3.54
CA PRO A 117 -0.36 -12.85 2.38
C PRO A 117 1.13 -13.20 2.35
N TYR A 118 1.55 -14.30 2.98
CA TYR A 118 2.98 -14.58 3.02
C TYR A 118 3.37 -16.07 3.00
N ILE A 119 3.12 -16.79 4.10
CA ILE A 119 3.81 -18.06 4.34
C ILE A 119 3.48 -19.11 3.28
N ASP A 120 2.26 -19.14 2.75
CA ASP A 120 1.88 -20.13 1.75
C ASP A 120 2.00 -19.61 0.32
N LEU A 121 2.58 -18.43 0.13
CA LEU A 121 2.86 -17.93 -1.22
C LEU A 121 4.16 -18.52 -1.77
N GLU A 122 4.10 -19.04 -3.00
CA GLU A 122 5.34 -19.51 -3.63
C GLU A 122 6.33 -18.37 -3.81
N ASP A 123 5.86 -17.23 -4.33
CA ASP A 123 6.71 -16.06 -4.54
C ASP A 123 6.36 -15.03 -3.49
N LYS A 124 7.28 -14.77 -2.58
CA LYS A 124 7.04 -13.84 -1.47
C LYS A 124 7.46 -12.41 -1.79
N THR A 125 7.96 -12.14 -3.00
CA THR A 125 8.31 -10.77 -3.41
C THR A 125 7.21 -9.74 -3.16
N PRO A 126 5.93 -9.98 -3.48
CA PRO A 126 4.93 -8.91 -3.31
C PRO A 126 4.38 -8.76 -1.90
N SER A 127 4.73 -9.67 -0.97
CA SER A 127 4.14 -9.64 0.36
C SER A 127 4.32 -8.30 1.06
N VAL A 128 5.50 -7.67 0.88
CA VAL A 128 5.78 -6.38 1.50
C VAL A 128 4.72 -5.37 1.10
N GLY A 129 4.28 -5.40 -0.16
CA GLY A 129 3.30 -4.46 -0.63
C GLY A 129 1.93 -4.81 -0.09
N TYR A 130 1.64 -6.10 0.09
CA TYR A 130 0.35 -6.49 0.64
C TYR A 130 0.20 -5.95 2.06
N PHE A 131 1.23 -6.13 2.89
CA PHE A 131 1.16 -5.60 4.26
C PHE A 131 1.13 -4.07 4.25
N ALA A 132 1.77 -3.41 3.28
CA ALA A 132 1.68 -1.96 3.24
C ALA A 132 0.26 -1.50 3.00
N LYS A 133 -0.45 -2.13 2.06
CA LYS A 133 -1.84 -1.70 1.79
C LYS A 133 -2.77 -2.05 2.94
N LEU A 134 -2.52 -3.18 3.60
CA LEU A 134 -3.28 -3.52 4.79
C LEU A 134 -3.09 -2.47 5.87
N LYS A 135 -1.83 -2.08 6.11
CA LYS A 135 -1.56 -1.09 7.16
C LYS A 135 -2.27 0.23 6.86
N GLN A 136 -2.40 0.58 5.58
CA GLN A 136 -3.05 1.83 5.21
C GLN A 136 -4.54 1.82 5.57
N LEU A 137 -5.13 0.64 5.72
CA LEU A 137 -6.54 0.55 6.12
C LEU A 137 -6.76 1.10 7.52
N TRP A 138 -5.78 0.96 8.40
CA TRP A 138 -5.93 1.44 9.76
C TRP A 138 -4.98 2.57 10.14
N GLN A 139 -4.14 3.04 9.21
CA GLN A 139 -3.21 4.12 9.53
C GLN A 139 -3.96 5.35 10.04
N ASP A 140 -3.55 5.85 11.21
CA ASP A 140 -4.10 7.07 11.81
C ASP A 140 -5.58 6.95 12.17
N LYS A 141 -6.06 5.73 12.41
CA LYS A 141 -7.44 5.48 12.80
C LYS A 141 -7.47 5.08 14.27
N ASP A 142 -8.55 5.46 14.97
CA ASP A 142 -8.83 4.83 16.26
C ASP A 142 -9.48 3.49 16.02
N LEU A 143 -8.91 2.45 16.62
CA LEU A 143 -9.26 1.06 16.33
C LEU A 143 -9.97 0.43 17.52
N LEU A 144 -10.96 -0.43 17.24
CA LEU A 144 -11.51 -1.35 18.23
C LEU A 144 -11.21 -2.76 17.76
N ILE A 145 -10.30 -3.44 18.45
CA ILE A 145 -9.85 -4.76 18.08
C ILE A 145 -10.64 -5.78 18.88
N VAL A 146 -11.30 -6.70 18.19
CA VAL A 146 -12.13 -7.74 18.79
C VAL A 146 -11.48 -9.09 18.49
N GLU A 147 -10.89 -9.72 19.50
CA GLU A 147 -10.04 -10.88 19.29
C GLU A 147 -10.12 -11.80 20.50
N GLY A 148 -9.56 -13.01 20.34
CA GLY A 148 -9.50 -13.97 21.44
C GLY A 148 -8.34 -13.75 22.40
N LEU A 149 -8.41 -14.48 23.51
CA LEU A 149 -7.45 -14.31 24.60
C LEU A 149 -6.01 -14.54 24.14
N THR A 150 -5.78 -15.52 23.28
CA THR A 150 -4.44 -15.88 22.83
C THR A 150 -4.01 -15.18 21.55
N SER A 151 -4.94 -14.47 20.90
CA SER A 151 -4.66 -13.81 19.63
C SER A 151 -3.51 -12.80 19.76
N ARG A 152 -3.63 -11.87 20.71
CA ARG A 152 -2.61 -10.86 21.02
C ARG A 152 -2.06 -10.23 19.73
N SER A 153 -2.98 -9.89 18.82
CA SER A 153 -2.58 -9.31 17.55
C SER A 153 -1.81 -8.00 17.75
N GLY A 154 -0.64 -7.92 17.11
CA GLY A 154 0.23 -6.78 17.24
C GLY A 154 1.14 -6.77 18.45
N VAL A 155 1.01 -7.73 19.36
CA VAL A 155 1.84 -7.74 20.56
C VAL A 155 3.21 -8.28 20.18
N GLY A 156 4.25 -7.49 20.42
CA GLY A 156 5.60 -7.87 20.05
C GLY A 156 6.01 -7.52 18.65
N ASN A 157 5.18 -6.79 17.90
CA ASN A 157 5.54 -6.36 16.57
C ASN A 157 4.92 -4.99 16.32
N ASP A 158 5.20 -4.40 15.17
CA ASP A 158 4.76 -3.05 14.85
C ASP A 158 3.59 -3.02 13.87
N LEU A 159 2.80 -4.08 13.85
CA LEU A 159 1.69 -4.19 12.89
C LEU A 159 0.75 -2.97 12.95
N PHE A 160 0.35 -2.59 14.17
CA PHE A 160 -0.64 -1.55 14.41
C PHE A 160 -0.02 -0.27 14.96
N ASP A 161 1.30 -0.13 14.87
CA ASP A 161 1.95 1.05 15.41
C ASP A 161 1.55 2.33 14.65
N GLY A 162 1.05 2.20 13.43
CA GLY A 162 0.57 3.34 12.66
C GLY A 162 -0.85 3.78 12.97
N ALA A 163 -1.55 3.02 13.81
CA ALA A 163 -2.90 3.40 14.21
C ALA A 163 -2.83 4.58 15.18
N ARG A 164 -3.95 5.30 15.29
CA ARG A 164 -3.97 6.42 16.22
C ARG A 164 -4.11 5.95 17.66
N SER A 165 -4.99 4.99 17.91
CA SER A 165 -5.23 4.47 19.24
C SER A 165 -5.90 3.12 19.11
N ILE A 166 -5.83 2.34 20.18
CA ILE A 166 -6.34 0.96 20.18
C ILE A 166 -7.12 0.72 21.47
N LYS A 167 -8.34 0.22 21.32
CA LYS A 167 -9.08 -0.43 22.38
C LYS A 167 -9.33 -1.87 21.97
N ARG A 168 -9.35 -2.77 22.96
CA ARG A 168 -9.57 -4.18 22.66
C ARG A 168 -10.68 -4.76 23.53
N ILE A 169 -11.52 -5.56 22.88
CA ILE A 169 -12.52 -6.40 23.51
C ILE A 169 -11.98 -7.82 23.40
N ILE A 170 -11.69 -8.44 24.55
CA ILE A 170 -11.06 -9.77 24.60
C ILE A 170 -12.14 -10.83 24.78
N CYS A 171 -12.13 -11.85 23.91
CA CYS A 171 -13.17 -12.87 23.78
C CYS A 171 -12.61 -14.25 24.09
N PRO A 172 -13.44 -15.30 24.16
CA PRO A 172 -12.86 -16.65 24.26
C PRO A 172 -11.97 -16.96 23.07
N SER A 173 -10.83 -17.61 23.36
CA SER A 173 -9.90 -18.03 22.33
C SER A 173 -10.45 -19.14 21.45
N ARG A 174 -11.44 -19.87 21.93
CA ARG A 174 -12.10 -20.91 21.16
C ARG A 174 -13.57 -20.90 21.56
N ASN A 175 -14.42 -21.42 20.68
CA ASN A 175 -15.86 -21.49 20.95
C ASN A 175 -16.43 -20.11 21.31
N ALA A 176 -15.97 -19.06 20.62
CA ALA A 176 -16.44 -17.72 20.93
C ALA A 176 -17.89 -17.51 20.51
N TYR A 177 -18.41 -18.34 19.61
CA TYR A 177 -19.76 -18.14 19.14
C TYR A 177 -20.78 -18.15 20.27
N SER A 178 -20.53 -18.92 21.34
CA SER A 178 -21.54 -18.95 22.40
C SER A 178 -21.68 -17.61 23.11
N LYS A 179 -20.74 -16.68 22.91
CA LYS A 179 -20.81 -15.37 23.55
C LYS A 179 -21.11 -14.24 22.55
N LEU A 180 -21.62 -14.57 21.36
CA LEU A 180 -21.74 -13.58 20.28
C LEU A 180 -22.55 -12.36 20.72
N GLU A 181 -23.67 -12.56 21.40
CA GLU A 181 -24.52 -11.40 21.71
C GLU A 181 -23.84 -10.51 22.74
N ALA A 182 -23.12 -11.12 23.68
CA ALA A 182 -22.37 -10.35 24.67
C ALA A 182 -21.22 -9.60 24.02
N ILE A 183 -20.57 -10.23 23.05
CA ILE A 183 -19.50 -9.55 22.31
C ILE A 183 -20.08 -8.36 21.55
N LYS A 184 -21.22 -8.55 20.86
CA LYS A 184 -21.88 -7.44 20.17
C LYS A 184 -22.24 -6.33 21.14
N GLN A 185 -22.73 -6.70 22.32
CA GLN A 185 -23.08 -5.67 23.30
C GLN A 185 -21.85 -4.87 23.70
N ALA A 186 -20.72 -5.55 23.88
CA ALA A 186 -19.49 -4.84 24.21
C ALA A 186 -19.08 -3.91 23.08
N VAL A 187 -19.24 -4.36 21.82
CA VAL A 187 -18.88 -3.51 20.69
C VAL A 187 -19.71 -2.25 20.68
N ARG A 188 -21.03 -2.37 20.87
CA ARG A 188 -21.86 -1.17 20.86
C ARG A 188 -21.44 -0.17 21.94
N GLU A 189 -20.99 -0.68 23.09
CA GLU A 189 -20.65 0.19 24.21
C GLU A 189 -19.31 0.91 24.01
N HIS A 190 -18.39 0.33 23.24
CA HIS A 190 -17.04 0.89 23.16
C HIS A 190 -16.63 1.35 21.76
N ALA A 191 -17.46 1.12 20.75
CA ALA A 191 -16.99 1.34 19.39
C ALA A 191 -16.88 2.82 19.06
N ASP A 192 -17.80 3.64 19.56
CA ASP A 192 -17.82 5.07 19.23
C ASP A 192 -17.69 5.15 17.70
N ASN A 193 -16.78 5.94 17.16
CA ASN A 193 -16.56 5.99 15.73
C ASN A 193 -15.31 5.20 15.31
N ARG A 194 -14.85 4.26 16.12
CA ARG A 194 -13.61 3.55 15.79
C ARG A 194 -13.81 2.54 14.66
N LEU A 195 -12.73 2.28 13.93
CA LEU A 195 -12.73 1.19 12.95
C LEU A 195 -12.60 -0.14 13.69
N ILE A 196 -13.49 -1.08 13.39
CA ILE A 196 -13.53 -2.36 14.10
C ILE A 196 -12.76 -3.38 13.27
N LEU A 197 -11.77 -4.03 13.91
CA LEU A 197 -11.02 -5.15 13.32
C LEU A 197 -11.29 -6.39 14.14
N THR A 198 -11.50 -7.52 13.48
CA THR A 198 -11.83 -8.73 14.23
C THR A 198 -10.96 -9.90 13.76
N MET A 199 -10.50 -10.67 14.75
CA MET A 199 -9.65 -11.84 14.57
C MET A 199 -10.31 -12.89 15.46
N LEU A 200 -11.31 -13.61 14.94
CA LEU A 200 -12.16 -14.41 15.83
C LEU A 200 -12.75 -15.62 15.13
N GLY A 201 -12.02 -16.20 14.16
CA GLY A 201 -12.47 -17.42 13.52
C GLY A 201 -13.86 -17.29 12.92
N PRO A 202 -14.66 -18.37 13.03
CA PRO A 202 -16.01 -18.34 12.44
C PRO A 202 -16.94 -17.31 13.07
N THR A 203 -16.75 -16.99 14.37
CA THR A 203 -17.55 -15.94 15.01
C THR A 203 -17.27 -14.58 14.40
N ALA A 204 -16.05 -14.35 13.92
CA ALA A 204 -15.76 -13.06 13.27
C ALA A 204 -16.69 -12.82 12.09
N LYS A 205 -17.07 -13.87 11.37
CA LYS A 205 -17.83 -13.68 10.13
C LYS A 205 -19.26 -13.26 10.43
N VAL A 206 -19.86 -13.86 11.45
CA VAL A 206 -21.20 -13.49 11.86
C VAL A 206 -21.20 -12.12 12.52
N LEU A 207 -20.15 -11.85 13.29
CA LEU A 207 -20.00 -10.56 13.96
C LEU A 207 -19.94 -9.42 12.95
N VAL A 208 -19.02 -9.52 11.98
CA VAL A 208 -18.93 -8.46 10.98
C VAL A 208 -20.28 -8.28 10.28
N TYR A 209 -20.87 -9.39 9.82
CA TYR A 209 -22.14 -9.27 9.12
C TYR A 209 -23.18 -8.55 9.98
N ASP A 210 -23.33 -8.99 11.23
CA ASP A 210 -24.33 -8.39 12.10
C ASP A 210 -24.03 -6.93 12.37
N LEU A 211 -22.76 -6.60 12.56
CA LEU A 211 -22.38 -5.22 12.83
C LEU A 211 -22.62 -4.33 11.61
N VAL A 212 -22.42 -4.86 10.40
CA VAL A 212 -22.69 -4.08 9.18
C VAL A 212 -24.17 -3.69 9.13
N GLN A 213 -25.05 -4.60 9.52
CA GLN A 213 -26.48 -4.31 9.46
C GLN A 213 -26.85 -3.16 10.38
N GLU A 214 -26.07 -2.97 11.44
CA GLU A 214 -26.25 -1.86 12.38
C GLU A 214 -25.44 -0.64 12.00
N GLY A 215 -24.78 -0.64 10.85
CA GLY A 215 -24.14 0.56 10.34
C GLY A 215 -22.72 0.81 10.79
N TYR A 216 -22.02 -0.20 11.35
CA TYR A 216 -20.61 -0.12 11.67
C TYR A 216 -19.75 -0.58 10.49
N ARG A 217 -18.47 -0.21 10.53
CA ARG A 217 -17.50 -0.71 9.58
C ARG A 217 -16.55 -1.67 10.29
N ALA A 218 -16.40 -2.86 9.73
CA ALA A 218 -15.67 -3.92 10.40
C ALA A 218 -14.94 -4.74 9.37
N LEU A 219 -13.69 -5.09 9.69
CA LEU A 219 -12.83 -5.90 8.81
C LEU A 219 -12.45 -7.19 9.52
N ASP A 220 -12.87 -8.32 8.94
CA ASP A 220 -12.46 -9.65 9.37
C ASP A 220 -11.06 -9.89 8.81
N ILE A 221 -10.04 -9.84 9.67
CA ILE A 221 -8.68 -9.99 9.18
C ILE A 221 -7.94 -11.13 9.86
N GLY A 222 -8.62 -11.94 10.66
CA GLY A 222 -8.13 -13.27 11.05
C GLY A 222 -6.69 -13.40 11.51
N HIS A 223 -5.94 -14.26 10.81
CA HIS A 223 -4.60 -14.65 11.21
C HIS A 223 -3.51 -13.69 10.71
N ILE A 224 -3.87 -12.42 10.48
CA ILE A 224 -2.90 -11.46 9.94
C ILE A 224 -1.64 -11.37 10.82
N ASP A 225 -1.79 -11.51 12.14
CA ASP A 225 -0.63 -11.33 13.02
C ASP A 225 0.39 -12.43 12.84
N SER A 226 -0.06 -13.69 12.69
CA SER A 226 0.89 -14.77 12.48
C SER A 226 1.64 -14.60 11.16
N GLU A 227 0.91 -14.18 10.12
CA GLU A 227 1.58 -14.01 8.83
C GLU A 227 2.57 -12.87 8.87
N TYR A 228 2.26 -11.82 9.64
CA TYR A 228 3.20 -10.70 9.78
C TYR A 228 4.45 -11.13 10.55
N GLU A 229 4.28 -11.90 11.62
CA GLU A 229 5.44 -12.39 12.36
C GLU A 229 6.33 -13.24 11.46
N TRP A 230 5.72 -14.15 10.69
CA TRP A 230 6.52 -14.97 9.78
C TRP A 230 7.22 -14.10 8.73
N PHE A 231 6.51 -13.10 8.20
CA PHE A 231 7.11 -12.18 7.24
C PHE A 231 8.30 -11.45 7.85
N GLN A 232 8.17 -10.93 9.06
CA GLN A 232 9.25 -10.14 9.65
C GLN A 232 10.46 -11.01 9.98
N MET A 233 10.25 -12.28 10.31
CA MET A 233 11.35 -13.19 10.60
C MET A 233 11.90 -13.82 9.32
N GLY A 234 11.26 -13.58 8.18
CA GLY A 234 11.65 -14.24 6.95
C GLY A 234 11.51 -15.74 6.99
N ALA A 235 10.52 -16.25 7.72
CA ALA A 235 10.34 -17.68 7.88
C ALA A 235 10.01 -18.34 6.55
N SER A 236 10.42 -19.59 6.42
CA SER A 236 10.03 -20.45 5.30
C SER A 236 9.07 -21.55 5.72
N HIS A 237 8.87 -21.75 7.02
CA HIS A 237 7.90 -22.69 7.56
C HIS A 237 7.04 -22.00 8.61
N LYS A 238 5.90 -22.63 8.93
CA LYS A 238 4.95 -22.10 9.92
C LYS A 238 5.47 -22.39 11.34
N VAL A 239 6.55 -21.69 11.69
CA VAL A 239 7.21 -21.91 12.97
C VAL A 239 6.31 -21.45 14.10
N LYS A 240 6.20 -22.28 15.15
CA LYS A 240 5.28 -21.96 16.24
C LYS A 240 5.87 -20.91 17.18
N LEU A 241 5.05 -19.93 17.56
CA LEU A 241 5.44 -18.92 18.54
C LEU A 241 5.04 -19.39 19.93
N SER A 242 5.83 -18.98 20.93
CA SER A 242 5.64 -19.50 22.27
C SER A 242 4.85 -18.57 23.18
N HIS A 243 4.63 -17.30 22.80
CA HIS A 243 4.03 -16.32 23.72
C HIS A 243 2.66 -15.83 23.27
N LYS A 244 2.09 -16.42 22.24
CA LYS A 244 0.73 -16.09 21.81
C LYS A 244 0.32 -17.18 20.83
N HIS A 245 -0.91 -17.05 20.34
CA HIS A 245 -1.47 -17.95 19.35
C HIS A 245 -0.67 -17.91 18.06
N THR A 246 -0.52 -19.07 17.42
CA THR A 246 0.08 -19.20 16.11
C THR A 246 -0.92 -19.88 15.17
N ALA A 247 -1.11 -19.28 14.00
CA ALA A 247 -1.97 -19.87 12.98
C ALA A 247 -1.54 -21.30 12.66
N GLU A 248 -2.54 -22.18 12.52
CA GLU A 248 -2.37 -23.59 12.22
C GLU A 248 -1.63 -24.33 13.33
N HIS A 249 -1.59 -23.73 14.52
CA HIS A 249 -1.30 -24.42 15.77
C HIS A 249 -2.50 -24.17 16.68
N ASN A 250 -3.67 -24.61 16.22
CA ASN A 250 -4.93 -24.02 16.69
C ASN A 250 -5.41 -24.58 18.02
N PHE A 251 -4.75 -25.61 18.55
CA PHE A 251 -5.14 -26.07 19.88
C PHE A 251 -4.64 -25.13 20.96
N ASP A 252 -3.65 -24.28 20.64
CA ASP A 252 -3.09 -23.29 21.57
C ASP A 252 -2.38 -23.94 22.75
N GLN A 253 -1.74 -25.08 22.52
CA GLN A 253 -0.88 -25.63 23.55
C GLN A 253 0.43 -24.84 23.66
N ASP A 254 1.07 -24.91 24.83
CA ASP A 254 2.41 -24.35 25.03
C ASP A 254 2.45 -22.86 24.69
N ILE A 255 1.64 -22.09 25.39
CA ILE A 255 1.61 -20.63 25.25
C ILE A 255 1.77 -20.01 26.63
N GLU A 256 2.76 -19.11 26.78
CA GLU A 256 2.96 -18.35 28.00
C GLU A 256 3.08 -16.89 27.61
N PHE A 257 2.16 -16.05 28.09
CA PHE A 257 2.10 -14.66 27.63
C PHE A 257 3.33 -13.88 28.10
N ARG A 258 3.82 -13.01 27.21
CA ARG A 258 4.79 -12.00 27.63
C ARG A 258 4.01 -10.86 28.27
N ASP A 259 4.54 -10.31 29.36
CA ASP A 259 3.86 -9.16 29.96
C ASP A 259 3.99 -7.97 29.02
N ASP A 260 2.87 -7.46 28.54
CA ASP A 260 2.87 -6.33 27.62
C ASP A 260 1.96 -5.27 28.21
N GLN A 261 2.57 -4.14 28.62
CA GLN A 261 1.83 -3.10 29.32
C GLN A 261 0.96 -2.27 28.38
N ALA A 262 1.36 -2.10 27.12
CA ALA A 262 0.48 -1.43 26.17
C ALA A 262 -0.77 -2.26 25.92
N TYR A 263 -0.59 -3.56 25.69
CA TYR A 263 -1.73 -4.45 25.49
C TYR A 263 -2.67 -4.40 26.69
N ASP A 264 -2.11 -4.55 27.90
CA ASP A 264 -2.94 -4.53 29.10
C ASP A 264 -3.79 -3.27 29.17
N SER A 265 -3.19 -2.12 28.86
CA SER A 265 -3.87 -0.84 28.96
C SER A 265 -4.90 -0.64 27.87
N GLN A 266 -4.89 -1.45 26.83
CA GLN A 266 -5.84 -1.27 25.74
C GLN A 266 -7.12 -2.05 25.96
N ILE A 267 -7.12 -2.97 26.91
CA ILE A 267 -8.30 -3.82 27.12
C ILE A 267 -9.38 -2.98 27.78
N VAL A 268 -10.56 -2.94 27.17
CA VAL A 268 -11.70 -2.25 27.76
C VAL A 268 -12.81 -3.19 28.18
N ALA A 269 -12.85 -4.41 27.64
CA ALA A 269 -13.77 -5.44 28.11
C ALA A 269 -13.11 -6.80 27.91
N ASN A 270 -13.45 -7.74 28.79
CA ASN A 270 -12.83 -9.07 28.79
C ASN A 270 -13.91 -10.12 29.00
N LEU A 271 -14.21 -10.88 27.95
CA LEU A 271 -15.24 -11.91 27.98
C LEU A 271 -14.66 -13.33 27.86
N ALA A 272 -13.35 -13.48 28.00
CA ALA A 272 -12.72 -14.79 27.84
C ALA A 272 -13.05 -15.71 28.99
N GLN B 5 14.37 -2.96 -25.19
CA GLN B 5 14.98 -4.22 -24.76
C GLN B 5 15.40 -4.05 -23.29
N ILE B 6 15.27 -2.81 -22.83
CA ILE B 6 15.60 -2.43 -21.46
C ILE B 6 14.50 -2.94 -20.54
N SER B 7 14.89 -3.44 -19.37
CA SER B 7 13.96 -4.06 -18.44
C SER B 7 13.58 -3.05 -17.36
N VAL B 8 12.30 -2.66 -17.35
CA VAL B 8 11.75 -1.68 -16.43
C VAL B 8 10.70 -2.36 -15.55
N LEU B 9 10.82 -2.17 -14.24
CA LEU B 9 9.83 -2.71 -13.31
C LEU B 9 8.48 -2.01 -13.47
N SER B 10 7.41 -2.71 -13.10
CA SER B 10 6.11 -2.05 -12.97
C SER B 10 6.12 -1.11 -11.76
N ILE B 11 5.04 -0.32 -11.64
CA ILE B 11 4.86 0.52 -10.45
C ILE B 11 4.81 -0.33 -9.19
N ASN B 12 4.05 -1.43 -9.23
CA ASN B 12 3.87 -2.25 -8.06
C ASN B 12 5.21 -2.82 -7.58
N GLN B 13 6.03 -3.31 -8.52
CA GLN B 13 7.32 -3.90 -8.17
C GLN B 13 8.30 -2.83 -7.72
N SER B 14 8.22 -1.62 -8.31
CA SER B 14 9.13 -0.54 -7.92
C SER B 14 8.84 -0.08 -6.51
N LEU B 15 7.58 0.20 -6.22
CA LEU B 15 7.20 0.62 -4.87
C LEU B 15 7.54 -0.46 -3.85
N ASP B 16 7.29 -1.72 -4.21
CA ASP B 16 7.61 -2.81 -3.28
C ASP B 16 9.10 -2.87 -3.00
N TYR B 17 9.93 -2.58 -4.02
CA TYR B 17 11.37 -2.57 -3.78
C TYR B 17 11.75 -1.47 -2.81
N LEU B 18 11.15 -0.28 -2.97
CA LEU B 18 11.42 0.80 -2.04
C LEU B 18 10.96 0.45 -0.64
N LEU B 19 9.79 -0.19 -0.53
CA LEU B 19 9.30 -0.60 0.79
C LEU B 19 10.19 -1.68 1.39
N GLU B 20 10.63 -2.62 0.55
CA GLU B 20 11.45 -3.74 1.02
C GLU B 20 12.83 -3.27 1.48
N LYS B 21 13.51 -2.49 0.65
CA LYS B 21 14.92 -2.16 0.81
C LYS B 21 15.16 -0.81 1.47
N GLY B 22 14.17 0.10 1.47
CA GLY B 22 14.44 1.42 2.01
C GLY B 22 15.39 2.23 1.16
N ALA B 23 15.48 1.92 -0.12
CA ALA B 23 16.38 2.60 -1.03
C ALA B 23 15.91 4.03 -1.32
N SER B 24 16.87 4.88 -1.67
CA SER B 24 16.53 6.15 -2.28
C SER B 24 16.02 5.91 -3.70
N VAL B 25 15.52 6.97 -4.36
CA VAL B 25 15.07 6.78 -5.73
C VAL B 25 15.33 8.05 -6.53
N VAL B 26 15.74 7.85 -7.77
CA VAL B 26 15.91 8.91 -8.76
C VAL B 26 15.25 8.46 -10.05
N ARG B 27 14.42 9.32 -10.64
CA ARG B 27 13.67 8.94 -11.83
C ARG B 27 14.04 9.84 -12.98
N PHE B 28 14.11 9.26 -14.17
CA PHE B 28 14.37 10.00 -15.39
C PHE B 28 13.19 9.83 -16.33
N GLY B 29 12.66 10.96 -16.80
CA GLY B 29 11.52 10.93 -17.70
C GLY B 29 11.85 11.57 -19.04
N ASP B 30 10.81 11.94 -19.79
CA ASP B 30 11.05 12.46 -21.14
C ASP B 30 11.79 13.80 -21.10
N GLY B 31 11.56 14.59 -20.06
CA GLY B 31 12.26 15.87 -19.97
C GLY B 31 13.75 15.71 -19.72
N GLU B 32 14.13 14.69 -18.94
CA GLU B 32 15.55 14.45 -18.72
C GLU B 32 16.23 13.96 -19.98
N MET B 33 15.56 13.09 -20.74
CA MET B 33 16.11 12.69 -22.03
C MET B 33 16.23 13.87 -22.98
N ASP B 34 15.24 14.78 -22.93
CA ASP B 34 15.32 16.00 -23.74
C ASP B 34 16.62 16.74 -23.46
N LEU B 35 16.90 16.98 -22.18
CA LEU B 35 18.10 17.72 -21.81
C LEU B 35 19.37 16.96 -22.18
N VAL B 36 19.36 15.63 -22.02
CA VAL B 36 20.49 14.80 -22.43
C VAL B 36 20.70 14.82 -23.94
N ALA B 37 19.67 15.13 -24.72
CA ALA B 37 19.81 15.35 -26.15
C ALA B 37 20.18 16.79 -26.49
N GLY B 38 20.47 17.61 -25.49
CA GLY B 38 20.87 18.98 -25.72
C GLY B 38 19.71 19.93 -25.95
N ARG B 39 18.53 19.62 -25.44
CA ARG B 39 17.35 20.45 -25.66
C ARG B 39 16.76 20.92 -24.34
N SER B 40 16.41 22.20 -24.28
CA SER B 40 15.81 22.77 -23.08
C SER B 40 14.39 22.25 -22.88
N ILE B 41 13.95 22.22 -21.62
CA ILE B 41 12.55 21.95 -21.27
C ILE B 41 11.98 23.19 -20.57
N VAL B 42 10.66 23.19 -20.35
CA VAL B 42 9.97 24.43 -19.98
C VAL B 42 10.47 24.98 -18.65
N TYR B 43 10.70 24.13 -17.65
CA TYR B 43 11.19 24.68 -16.38
C TYR B 43 12.67 24.39 -16.14
N GLN B 44 13.43 24.07 -17.19
CA GLN B 44 14.88 24.00 -17.06
C GLN B 44 15.54 24.27 -18.41
N ASP B 45 16.23 25.39 -18.53
CA ASP B 45 17.01 25.65 -19.74
C ASP B 45 18.17 24.66 -19.83
N PHE B 46 18.58 24.36 -21.06
CA PHE B 46 19.72 23.47 -21.25
C PHE B 46 20.95 24.05 -20.57
N ASP B 47 21.67 23.18 -19.84
CA ASP B 47 22.92 23.50 -19.17
C ASP B 47 23.83 22.29 -19.34
N PRO B 48 25.03 22.44 -19.91
CA PRO B 48 25.86 21.26 -20.19
C PRO B 48 26.29 20.52 -18.95
N GLU B 49 26.55 21.23 -17.84
CA GLU B 49 26.94 20.53 -16.60
C GLU B 49 25.81 19.66 -16.10
N LEU B 50 24.58 20.20 -16.14
CA LEU B 50 23.39 19.44 -15.77
C LEU B 50 23.20 18.22 -16.66
N SER B 51 23.21 18.43 -17.99
CA SER B 51 22.98 17.32 -18.90
C SER B 51 24.02 16.21 -18.71
N ALA B 52 25.28 16.58 -18.48
CA ALA B 52 26.30 15.55 -18.26
C ALA B 52 26.03 14.78 -16.96
N ARG B 53 25.60 15.49 -15.91
CA ARG B 53 25.34 14.79 -14.66
C ARG B 53 24.12 13.88 -14.82
N LEU B 54 23.11 14.32 -15.57
CA LEU B 54 21.97 13.47 -15.84
C LEU B 54 22.38 12.31 -16.73
N ARG B 55 23.20 12.59 -17.74
CA ARG B 55 23.73 11.55 -18.62
C ARG B 55 24.51 10.51 -17.82
N GLU B 56 25.21 10.94 -16.76
CA GLU B 56 25.99 10.01 -15.96
C GLU B 56 25.11 9.14 -15.06
N ILE B 57 24.13 9.74 -14.38
CA ILE B 57 23.33 9.00 -13.42
C ILE B 57 22.43 7.99 -14.12
N MET B 58 21.91 8.33 -15.31
CA MET B 58 21.06 7.40 -16.06
C MET B 58 21.78 6.08 -16.35
N SER B 59 23.10 6.11 -16.50
CA SER B 59 23.83 4.92 -16.90
C SER B 59 24.17 4.02 -15.73
N MET B 60 23.75 4.39 -14.52
CA MET B 60 24.09 3.68 -13.29
C MET B 60 23.17 2.51 -13.02
N GLU B 61 23.68 1.52 -12.30
CA GLU B 61 22.93 0.33 -11.92
C GLU B 61 22.23 0.56 -10.58
N SER B 62 21.07 -0.10 -10.42
CA SER B 62 20.21 0.02 -9.23
C SER B 62 20.59 -1.01 -8.16
N ASP B 63 20.46 -0.62 -6.88
CA ASP B 63 20.72 -1.51 -5.74
C ASP B 63 19.99 -0.97 -4.51
N GLU B 64 20.20 -1.65 -3.37
CA GLU B 64 19.42 -1.32 -2.16
C GLU B 64 19.68 0.08 -1.61
N ARG B 65 20.72 0.78 -2.09
CA ARG B 65 20.97 2.16 -1.70
C ARG B 65 20.23 3.16 -2.57
N LEU B 66 20.06 2.87 -3.86
CA LEU B 66 19.44 3.83 -4.78
C LEU B 66 18.88 3.09 -5.99
N MET B 67 17.60 3.30 -6.27
CA MET B 67 16.96 2.74 -7.45
C MET B 67 16.84 3.82 -8.51
N VAL B 68 17.28 3.50 -9.74
CA VAL B 68 17.24 4.44 -10.87
C VAL B 68 16.07 4.04 -11.76
N CYS B 69 15.24 5.02 -12.14
CA CYS B 69 14.01 4.71 -12.85
C CYS B 69 14.00 5.31 -14.25
N LEU B 70 13.35 4.59 -15.16
CA LEU B 70 13.14 5.01 -16.54
C LEU B 70 11.66 4.91 -16.83
N PRO B 71 11.15 5.62 -17.84
CA PRO B 71 9.73 5.47 -18.18
C PRO B 71 9.44 4.07 -18.68
N ASP B 72 8.36 3.47 -18.16
CA ASP B 72 7.97 2.11 -18.50
C ASP B 72 7.23 2.10 -19.84
N VAL B 73 8.01 2.32 -20.91
CA VAL B 73 7.45 2.57 -22.23
C VAL B 73 8.02 1.66 -23.30
N PHE B 74 9.00 0.82 -22.96
CA PHE B 74 9.63 -0.05 -23.92
C PHE B 74 8.80 -1.30 -24.23
N THR B 75 7.63 -1.44 -23.60
CA THR B 75 6.73 -2.54 -23.88
C THR B 75 5.32 -2.16 -23.45
N GLY B 76 4.35 -2.96 -23.87
CA GLY B 76 2.98 -2.89 -23.41
C GLY B 76 2.39 -1.50 -23.29
N LEU B 77 2.49 -0.72 -24.36
CA LEU B 77 1.96 0.65 -24.35
C LEU B 77 0.44 0.68 -24.26
N GLU B 78 -0.25 -0.43 -24.52
CA GLU B 78 -1.70 -0.50 -24.34
C GLU B 78 -2.13 -0.20 -22.91
N ARG B 79 -1.20 -0.17 -21.95
CA ARG B 79 -1.54 0.17 -20.58
C ARG B 79 -1.90 1.65 -20.43
N TYR B 80 -1.57 2.48 -21.41
CA TYR B 80 -1.65 3.93 -21.24
C TYR B 80 -2.73 4.53 -22.11
N SER B 81 -3.08 5.76 -21.76
CA SER B 81 -4.08 6.55 -22.48
C SER B 81 -3.67 6.75 -23.93
N ILE B 82 -4.65 6.97 -24.79
CA ILE B 82 -4.35 7.10 -26.21
C ILE B 82 -3.40 8.26 -26.46
N ASP B 83 -3.55 9.35 -25.71
CA ASP B 83 -2.63 10.48 -25.82
C ASP B 83 -1.23 10.10 -25.36
N ALA B 84 -1.11 9.34 -24.27
CA ALA B 84 0.21 8.93 -23.81
C ALA B 84 0.86 7.98 -24.81
N GLN B 85 0.09 7.01 -25.32
CA GLN B 85 0.63 6.11 -26.34
C GLN B 85 1.13 6.88 -27.55
N ASN B 86 0.37 7.87 -28.01
CA ASN B 86 0.80 8.63 -29.17
C ASN B 86 2.10 9.38 -28.89
N PHE B 87 2.26 9.88 -27.67
CA PHE B 87 3.47 10.64 -27.35
C PHE B 87 4.71 9.74 -27.35
N TRP B 88 4.66 8.62 -26.62
CA TRP B 88 5.84 7.75 -26.53
C TRP B 88 6.14 7.07 -27.86
N SER B 89 5.10 6.54 -28.52
CA SER B 89 5.29 5.66 -29.65
C SER B 89 5.48 6.41 -30.97
N LEU B 90 5.02 7.65 -31.05
CA LEU B 90 5.12 8.42 -32.28
C LEU B 90 5.98 9.67 -32.14
N ASN B 91 6.38 10.06 -30.94
CA ASN B 91 7.14 11.29 -30.77
C ASN B 91 8.47 11.05 -30.08
N HIS B 92 8.45 10.55 -28.85
CA HIS B 92 9.66 10.48 -28.03
C HIS B 92 10.60 9.36 -28.47
N LEU B 93 10.10 8.13 -28.50
CA LEU B 93 10.97 7.01 -28.81
C LEU B 93 11.53 7.05 -30.24
N PRO B 94 10.78 7.44 -31.28
CA PRO B 94 11.42 7.67 -32.58
C PRO B 94 12.65 8.55 -32.48
N HIS B 95 12.58 9.62 -31.69
CA HIS B 95 13.72 10.51 -31.52
C HIS B 95 14.84 9.83 -30.73
N PHE B 96 14.51 9.28 -29.57
CA PHE B 96 15.51 9.00 -28.53
C PHE B 96 15.67 7.53 -28.16
N LEU B 97 15.03 6.59 -28.85
CA LEU B 97 15.15 5.19 -28.44
C LEU B 97 16.59 4.71 -28.53
N GLU B 98 17.30 5.08 -29.60
CA GLU B 98 18.69 4.67 -29.71
C GLU B 98 19.56 5.34 -28.65
N LYS B 99 19.11 6.47 -28.10
CA LYS B 99 19.81 7.09 -26.98
C LYS B 99 19.59 6.30 -25.70
N TYR B 100 18.35 5.88 -25.44
CA TYR B 100 18.06 5.02 -24.30
C TYR B 100 18.89 3.75 -24.37
N LYS B 101 18.85 3.07 -25.51
CA LYS B 101 19.55 1.79 -25.65
C LYS B 101 21.05 1.95 -25.50
N ASN B 102 21.60 3.10 -25.87
CA ASN B 102 23.04 3.32 -25.78
C ASN B 102 23.48 3.62 -24.36
N ILE B 103 22.75 4.50 -23.67
CA ILE B 103 23.16 4.95 -22.34
C ILE B 103 22.74 3.96 -21.25
N CYS B 104 21.53 3.42 -21.34
CA CYS B 104 20.94 2.66 -20.24
C CYS B 104 21.24 1.19 -20.43
N ARG B 105 22.30 0.70 -19.78
CA ARG B 105 22.74 -0.67 -19.94
C ARG B 105 22.77 -1.43 -18.62
N ALA B 106 22.08 -0.94 -17.60
CA ALA B 106 21.98 -1.69 -16.36
C ALA B 106 21.05 -2.87 -16.54
N PRO B 107 21.17 -3.90 -15.69
CA PRO B 107 20.24 -5.03 -15.77
C PRO B 107 18.79 -4.63 -15.66
N TRP B 108 18.45 -3.71 -14.74
CA TRP B 108 17.06 -3.36 -14.53
C TRP B 108 16.96 -1.94 -13.98
N TYR B 109 15.78 -1.35 -14.14
CA TYR B 109 15.46 -0.01 -13.68
C TYR B 109 14.07 -0.03 -13.05
N GLY B 110 13.84 0.88 -12.11
CA GLY B 110 12.50 1.13 -11.60
C GLY B 110 11.68 1.94 -12.61
N SER B 111 10.41 2.13 -12.28
CA SER B 111 9.49 2.85 -13.16
C SER B 111 9.43 4.31 -12.74
N THR B 112 9.68 5.21 -13.69
CA THR B 112 9.56 6.65 -13.43
C THR B 112 8.11 7.02 -13.12
N PHE B 113 7.16 6.18 -13.53
CA PHE B 113 5.74 6.40 -13.30
C PHE B 113 5.28 6.05 -11.89
N ILE B 114 6.18 5.81 -10.94
CA ILE B 114 5.73 5.77 -9.55
C ILE B 114 5.27 7.15 -9.11
N SER B 115 5.78 8.22 -9.73
CA SER B 115 5.26 9.57 -9.53
C SER B 115 3.96 9.84 -10.30
N ARG B 116 3.67 9.07 -11.34
CA ARG B 116 2.60 9.36 -12.32
C ARG B 116 1.61 8.20 -12.34
N PRO B 117 0.88 7.95 -11.25
CA PRO B 117 0.17 6.67 -11.15
C PRO B 117 -1.32 6.74 -11.41
N TYR B 118 -1.80 7.72 -12.18
CA TYR B 118 -3.25 7.88 -12.39
C TYR B 118 -3.64 8.40 -13.78
N ILE B 119 -3.34 9.66 -14.08
CA ILE B 119 -4.09 10.32 -15.16
C ILE B 119 -3.88 9.64 -16.50
N ASP B 120 -2.67 9.14 -16.78
CA ASP B 120 -2.39 8.51 -18.07
C ASP B 120 -2.47 6.99 -18.04
N LEU B 121 -2.99 6.40 -16.96
CA LEU B 121 -3.25 4.97 -16.93
C LEU B 121 -4.57 4.70 -17.66
N GLU B 122 -4.56 3.72 -18.56
CA GLU B 122 -5.81 3.38 -19.23
C GLU B 122 -6.83 2.86 -18.23
N ASP B 123 -6.41 1.98 -17.33
CA ASP B 123 -7.29 1.41 -16.31
C ASP B 123 -6.87 2.00 -14.96
N LYS B 124 -7.75 2.80 -14.37
CA LYS B 124 -7.40 3.52 -13.15
C LYS B 124 -7.79 2.78 -11.87
N THR B 125 -8.37 1.57 -11.98
CA THR B 125 -8.69 0.75 -10.82
C THR B 125 -7.54 0.59 -9.82
N PRO B 126 -6.31 0.29 -10.22
CA PRO B 126 -5.25 0.07 -9.21
C PRO B 126 -4.64 1.33 -8.63
N SER B 127 -5.01 2.52 -9.13
CA SER B 127 -4.37 3.75 -8.66
C SER B 127 -4.49 3.92 -7.15
N VAL B 128 -5.64 3.55 -6.57
CA VAL B 128 -5.80 3.70 -5.13
C VAL B 128 -4.69 2.94 -4.39
N GLY B 129 -4.28 1.79 -4.91
CA GLY B 129 -3.27 0.99 -4.23
C GLY B 129 -1.88 1.57 -4.39
N TYR B 130 -1.62 2.19 -5.54
CA TYR B 130 -0.33 2.86 -5.74
C TYR B 130 -0.17 4.00 -4.74
N PHE B 131 -1.19 4.86 -4.63
CA PHE B 131 -1.08 5.97 -3.67
C PHE B 131 -1.00 5.48 -2.23
N ALA B 132 -1.65 4.35 -1.93
CA ALA B 132 -1.56 3.81 -0.58
C ALA B 132 -0.12 3.38 -0.26
N LYS B 133 0.53 2.69 -1.20
CA LYS B 133 1.91 2.25 -0.95
C LYS B 133 2.88 3.43 -0.96
N LEU B 134 2.62 4.46 -1.77
CA LEU B 134 3.43 5.67 -1.71
C LEU B 134 3.34 6.32 -0.33
N LYS B 135 2.12 6.45 0.20
CA LYS B 135 1.94 7.06 1.51
C LYS B 135 2.67 6.30 2.60
N GLN B 136 2.78 4.97 2.43
CA GLN B 136 3.48 4.15 3.42
C GLN B 136 4.97 4.46 3.47
N LEU B 137 5.53 5.05 2.41
CA LEU B 137 6.94 5.44 2.44
C LEU B 137 7.19 6.56 3.44
N TRP B 138 6.21 7.45 3.67
CA TRP B 138 6.39 8.54 4.60
C TRP B 138 5.50 8.47 5.85
N GLN B 139 4.72 7.39 6.02
CA GLN B 139 3.85 7.28 7.19
C GLN B 139 4.67 7.34 8.47
N ASP B 140 4.31 8.27 9.35
CA ASP B 140 4.93 8.44 10.67
C ASP B 140 6.41 8.82 10.56
N LYS B 141 6.79 9.48 9.48
CA LYS B 141 8.15 9.94 9.27
C LYS B 141 8.24 11.45 9.44
N ASP B 142 9.36 11.94 9.95
CA ASP B 142 9.67 13.36 9.82
C ASP B 142 10.23 13.61 8.43
N LEU B 143 9.64 14.56 7.71
CA LEU B 143 9.91 14.79 6.30
C LEU B 143 10.63 16.11 6.07
N LEU B 144 11.57 16.12 5.12
CA LEU B 144 12.12 17.36 4.56
C LEU B 144 11.70 17.39 3.09
N ILE B 145 10.82 18.33 2.73
CA ILE B 145 10.36 18.47 1.34
C ILE B 145 11.18 19.55 0.65
N VAL B 146 11.79 19.20 -0.48
CA VAL B 146 12.60 20.12 -1.28
C VAL B 146 11.88 20.32 -2.61
N GLU B 147 11.28 21.49 -2.78
CA GLU B 147 10.40 21.68 -3.92
C GLU B 147 10.46 23.15 -4.33
N GLY B 148 9.91 23.43 -5.50
CA GLY B 148 9.88 24.79 -6.00
C GLY B 148 8.76 25.64 -5.43
N LEU B 149 8.85 26.94 -5.76
CA LEU B 149 7.94 27.93 -5.19
C LEU B 149 6.49 27.62 -5.49
N THR B 150 6.18 27.13 -6.70
CA THR B 150 4.79 26.87 -7.06
C THR B 150 4.36 25.43 -6.81
N SER B 151 5.28 24.53 -6.45
CA SER B 151 4.92 23.12 -6.29
C SER B 151 3.78 22.92 -5.27
N ARG B 152 3.94 23.45 -4.06
CA ARG B 152 2.96 23.33 -2.97
C ARG B 152 2.43 21.91 -2.81
N SER B 153 3.36 20.93 -2.79
CA SER B 153 2.96 19.53 -2.66
C SER B 153 2.22 19.30 -1.35
N GLY B 154 1.04 18.69 -1.45
CA GLY B 154 0.22 18.42 -0.30
C GLY B 154 -0.64 19.56 0.17
N VAL B 155 -0.49 20.76 -0.40
CA VAL B 155 -1.26 21.92 0.03
C VAL B 155 -2.67 21.78 -0.53
N GLY B 156 -3.65 21.81 0.36
CA GLY B 156 -5.03 21.63 -0.03
C GLY B 156 -5.52 20.20 -0.14
N ASN B 157 -4.69 19.22 0.24
CA ASN B 157 -5.13 17.83 0.18
C ASN B 157 -4.47 17.07 1.32
N ASP B 158 -4.77 15.78 1.43
CA ASP B 158 -4.30 14.98 2.57
C ASP B 158 -3.15 14.04 2.21
N LEU B 159 -2.40 14.34 1.14
CA LEU B 159 -1.31 13.46 0.69
C LEU B 159 -0.31 13.14 1.79
N PHE B 160 0.12 14.15 2.55
CA PHE B 160 1.17 13.99 3.54
C PHE B 160 0.65 14.04 4.98
N ASP B 161 -0.67 13.89 5.17
CA ASP B 161 -1.26 14.00 6.50
C ASP B 161 -0.81 12.88 7.43
N GLY B 162 -0.36 11.75 6.88
CA GLY B 162 0.13 10.66 7.70
C GLY B 162 1.56 10.80 8.17
N ALA B 163 2.26 11.83 7.70
CA ALA B 163 3.63 12.04 8.17
C ALA B 163 3.62 12.57 9.60
N ARG B 164 4.75 12.37 10.28
CA ARG B 164 4.88 12.85 11.65
C ARG B 164 5.02 14.36 11.69
N SER B 165 5.84 14.91 10.80
CA SER B 165 6.07 16.35 10.72
C SER B 165 6.68 16.66 9.36
N ILE B 166 6.60 17.93 8.95
CA ILE B 166 7.07 18.38 7.65
C ILE B 166 7.83 19.70 7.81
N LYS B 167 9.03 19.75 7.22
CA LYS B 167 9.77 20.97 6.96
C LYS B 167 9.97 21.08 5.44
N ARG B 168 10.09 22.31 4.92
CA ARG B 168 10.25 22.48 3.47
C ARG B 168 11.40 23.40 3.13
N ILE B 169 12.12 23.03 2.08
CA ILE B 169 13.10 23.87 1.41
C ILE B 169 12.49 24.36 0.11
N ILE B 170 12.27 25.66 -0.01
CA ILE B 170 11.62 26.22 -1.18
C ILE B 170 12.69 26.66 -2.18
N CYS B 171 12.57 26.18 -3.42
CA CYS B 171 13.61 26.39 -4.41
C CYS B 171 13.02 27.18 -5.57
N PRO B 172 13.82 27.57 -6.56
CA PRO B 172 13.23 28.17 -7.77
C PRO B 172 12.26 27.22 -8.45
N SER B 173 11.16 27.78 -8.95
CA SER B 173 10.17 27.06 -9.73
C SER B 173 10.68 26.61 -11.09
N ARG B 174 11.73 27.25 -11.60
CA ARG B 174 12.37 26.87 -12.85
C ARG B 174 13.84 27.22 -12.75
N ASN B 175 14.65 26.55 -13.57
CA ASN B 175 16.09 26.79 -13.60
C ASN B 175 16.68 26.69 -12.21
N ALA B 176 16.19 25.72 -11.44
CA ALA B 176 16.69 25.55 -10.08
C ALA B 176 18.12 25.04 -10.07
N TYR B 177 18.59 24.45 -11.17
CA TYR B 177 19.93 23.86 -11.19
C TYR B 177 21.02 24.86 -10.84
N SER B 178 20.87 26.14 -11.23
CA SER B 178 21.91 27.13 -10.96
C SER B 178 22.06 27.41 -9.47
N LYS B 179 21.11 26.99 -8.64
CA LYS B 179 21.24 27.15 -7.20
C LYS B 179 21.51 25.83 -6.49
N LEU B 180 21.97 24.81 -7.22
CA LEU B 180 22.09 23.45 -6.67
C LEU B 180 22.97 23.40 -5.42
N GLU B 181 24.10 24.09 -5.43
CA GLU B 181 24.97 24.02 -4.26
C GLU B 181 24.38 24.74 -3.08
N ALA B 182 23.61 25.81 -3.33
CA ALA B 182 22.93 26.49 -2.24
C ALA B 182 21.81 25.61 -1.66
N ILE B 183 21.10 24.87 -2.51
CA ILE B 183 20.04 23.97 -2.04
C ILE B 183 20.63 22.86 -1.20
N LYS B 184 21.71 22.25 -1.69
CA LYS B 184 22.36 21.19 -0.95
C LYS B 184 22.79 21.67 0.42
N GLN B 185 23.36 22.88 0.50
CA GLN B 185 23.78 23.40 1.80
C GLN B 185 22.59 23.60 2.73
N ALA B 186 21.45 24.05 2.20
CA ALA B 186 20.25 24.19 3.01
C ALA B 186 19.76 22.82 3.52
N VAL B 187 19.82 21.79 2.67
CA VAL B 187 19.41 20.45 3.10
C VAL B 187 20.30 19.96 4.24
N ARG B 188 21.61 20.16 4.14
CA ARG B 188 22.50 19.72 5.20
C ARG B 188 22.15 20.39 6.53
N GLU B 189 21.74 21.66 6.48
CA GLU B 189 21.47 22.41 7.71
C GLU B 189 20.16 22.01 8.37
N HIS B 190 19.22 21.46 7.61
CA HIS B 190 17.89 21.21 8.14
C HIS B 190 17.42 19.78 8.10
N ALA B 191 18.21 18.85 7.54
CA ALA B 191 17.70 17.50 7.30
C ALA B 191 17.63 16.68 8.58
N ASP B 192 18.59 16.83 9.49
CA ASP B 192 18.62 16.02 10.72
C ASP B 192 18.48 14.55 10.29
N ASN B 193 17.56 13.78 10.86
CA ASN B 193 17.32 12.42 10.41
C ASN B 193 16.06 12.30 9.55
N ARG B 194 15.59 13.40 8.96
CA ARG B 194 14.34 13.37 8.21
C ARG B 194 14.52 12.66 6.88
N LEU B 195 13.42 12.08 6.40
CA LEU B 195 13.34 11.56 5.05
C LEU B 195 13.16 12.72 4.09
N ILE B 196 14.00 12.80 3.07
CA ILE B 196 13.96 13.91 2.12
C ILE B 196 13.12 13.52 0.92
N LEU B 197 12.13 14.35 0.60
CA LEU B 197 11.35 14.21 -0.62
C LEU B 197 11.61 15.42 -1.48
N THR B 198 11.83 15.20 -2.78
CA THR B 198 12.13 16.32 -3.67
C THR B 198 11.24 16.28 -4.90
N MET B 199 10.78 17.47 -5.26
CA MET B 199 9.88 17.71 -6.39
C MET B 199 10.55 18.90 -7.09
N LEU B 200 11.51 18.63 -8.00
CA LEU B 200 12.36 19.71 -8.51
C LEU B 200 12.89 19.43 -9.91
N GLY B 201 12.11 18.75 -10.75
CA GLY B 201 12.46 18.54 -12.13
C GLY B 201 13.84 17.93 -12.28
N PRO B 202 14.61 18.41 -13.27
CA PRO B 202 15.95 17.83 -13.50
C PRO B 202 16.91 18.03 -12.33
N THR B 203 16.78 19.12 -11.60
CA THR B 203 17.69 19.37 -10.49
C THR B 203 17.52 18.33 -9.38
N ALA B 204 16.29 17.86 -9.17
CA ALA B 204 16.02 16.83 -8.17
C ALA B 204 16.86 15.58 -8.40
N LYS B 205 17.14 15.24 -9.66
CA LYS B 205 17.84 13.98 -9.89
C LYS B 205 19.30 14.06 -9.48
N VAL B 206 19.94 15.20 -9.73
CA VAL B 206 21.32 15.41 -9.29
C VAL B 206 21.35 15.57 -7.77
N LEU B 207 20.35 16.26 -7.24
CA LEU B 207 20.24 16.45 -5.80
C LEU B 207 20.19 15.11 -5.07
N VAL B 208 19.30 14.21 -5.49
CA VAL B 208 19.15 12.91 -4.84
C VAL B 208 20.45 12.13 -4.88
N TYR B 209 21.03 12.02 -6.06
CA TYR B 209 22.29 11.29 -6.20
C TYR B 209 23.34 11.85 -5.25
N ASP B 210 23.50 13.18 -5.22
CA ASP B 210 24.54 13.77 -4.40
C ASP B 210 24.29 13.54 -2.92
N LEU B 211 23.03 13.69 -2.49
CA LEU B 211 22.68 13.50 -1.09
C LEU B 211 22.82 12.03 -0.67
N VAL B 212 22.57 11.10 -1.59
CA VAL B 212 22.81 9.69 -1.28
C VAL B 212 24.30 9.46 -1.01
N GLN B 213 25.16 10.15 -1.74
CA GLN B 213 26.60 10.01 -1.50
C GLN B 213 26.98 10.50 -0.13
N GLU B 214 26.24 11.47 0.41
CA GLU B 214 26.49 11.95 1.76
C GLU B 214 25.73 11.14 2.81
N GLY B 215 25.04 10.07 2.42
CA GLY B 215 24.43 9.19 3.39
C GLY B 215 23.03 9.55 3.80
N TYR B 216 22.34 10.42 3.06
CA TYR B 216 20.94 10.73 3.29
C TYR B 216 20.07 9.76 2.48
N ARG B 217 18.80 9.63 2.89
CA ARG B 217 17.80 8.91 2.12
C ARG B 217 16.88 9.95 1.48
N ALA B 218 16.70 9.87 0.18
CA ALA B 218 15.96 10.90 -0.54
C ALA B 218 15.15 10.24 -1.64
N LEU B 219 13.91 10.69 -1.81
CA LEU B 219 13.02 10.14 -2.83
C LEU B 219 12.61 11.23 -3.78
N ASP B 220 12.95 11.05 -5.04
CA ASP B 220 12.51 11.91 -6.14
C ASP B 220 11.07 11.53 -6.48
N ILE B 221 10.09 12.36 -6.10
CA ILE B 221 8.71 11.99 -6.34
C ILE B 221 7.95 13.01 -7.20
N GLY B 222 8.65 14.00 -7.76
CA GLY B 222 8.12 14.77 -8.88
C GLY B 222 6.68 15.28 -8.79
N HIS B 223 5.85 14.93 -9.79
CA HIS B 223 4.51 15.47 -9.96
C HIS B 223 3.44 14.73 -9.19
N ILE B 224 3.83 14.05 -8.11
CA ILE B 224 2.89 13.25 -7.34
C ILE B 224 1.69 14.08 -6.87
N ASP B 225 1.90 15.37 -6.57
CA ASP B 225 0.78 16.16 -6.07
C ASP B 225 -0.27 16.37 -7.16
N SER B 226 0.16 16.63 -8.40
CA SER B 226 -0.81 16.85 -9.47
C SER B 226 -1.60 15.58 -9.74
N GLU B 227 -0.91 14.44 -9.73
CA GLU B 227 -1.60 13.19 -9.99
C GLU B 227 -2.54 12.85 -8.84
N TYR B 228 -2.17 13.20 -7.60
CA TYR B 228 -3.07 12.94 -6.49
C TYR B 228 -4.31 13.82 -6.55
N GLU B 229 -4.13 15.10 -6.92
CA GLU B 229 -5.28 15.99 -7.05
C GLU B 229 -6.25 15.48 -8.10
N TRP B 230 -5.74 15.01 -9.24
CA TRP B 230 -6.59 14.47 -10.29
C TRP B 230 -7.28 13.19 -9.85
N PHE B 231 -6.54 12.33 -9.14
CA PHE B 231 -7.11 11.10 -8.60
C PHE B 231 -8.27 11.41 -7.67
N GLN B 232 -8.09 12.39 -6.80
CA GLN B 232 -9.17 12.74 -5.87
C GLN B 232 -10.33 13.42 -6.58
N MET B 233 -10.08 14.08 -7.71
CA MET B 233 -11.14 14.69 -8.49
C MET B 233 -11.86 13.69 -9.39
N GLY B 234 -11.32 12.48 -9.54
CA GLY B 234 -11.82 11.58 -10.56
C GLY B 234 -11.66 12.15 -11.95
N ALA B 235 -10.64 12.97 -12.17
CA ALA B 235 -10.48 13.68 -13.42
C ALA B 235 -10.26 12.72 -14.58
N SER B 236 -10.71 13.14 -15.76
CA SER B 236 -10.39 12.41 -16.98
C SER B 236 -9.40 13.15 -17.86
N HIS B 237 -9.16 14.44 -17.60
CA HIS B 237 -8.20 15.24 -18.36
C HIS B 237 -7.26 15.93 -17.38
N LYS B 238 -6.11 16.35 -17.89
CA LYS B 238 -5.14 17.02 -17.04
C LYS B 238 -5.62 18.43 -16.74
N VAL B 239 -6.70 18.54 -15.96
CA VAL B 239 -7.33 19.82 -15.67
C VAL B 239 -6.34 20.70 -14.91
N LYS B 240 -6.20 21.95 -15.35
CA LYS B 240 -5.23 22.85 -14.73
C LYS B 240 -5.77 23.37 -13.42
N LEU B 241 -4.89 23.42 -12.42
CA LEU B 241 -5.26 24.02 -11.15
C LEU B 241 -4.89 25.49 -11.13
N SER B 242 -5.67 26.26 -10.38
CA SER B 242 -5.51 27.69 -10.37
C SER B 242 -4.63 28.19 -9.24
N HIS B 243 -4.39 27.37 -8.21
CA HIS B 243 -3.80 27.86 -6.97
C HIS B 243 -2.42 27.27 -6.68
N LYS B 244 -1.86 26.49 -7.60
CA LYS B 244 -0.52 25.93 -7.47
C LYS B 244 -0.11 25.38 -8.83
N HIS B 245 1.12 24.87 -8.88
CA HIS B 245 1.64 24.24 -10.09
C HIS B 245 0.78 23.04 -10.48
N THR B 246 0.64 22.83 -11.79
CA THR B 246 -0.06 21.68 -12.36
C THR B 246 0.85 20.98 -13.34
N ALA B 247 0.96 19.65 -13.23
CA ALA B 247 1.75 18.88 -14.18
C ALA B 247 1.28 19.12 -15.61
N GLU B 248 2.27 19.25 -16.51
CA GLU B 248 2.08 19.47 -17.95
C GLU B 248 1.42 20.82 -18.24
N HIS B 249 1.40 21.69 -17.25
CA HIS B 249 1.15 23.12 -17.43
C HIS B 249 2.37 23.87 -16.92
N ASN B 250 3.54 23.58 -17.49
CA ASN B 250 4.78 23.84 -16.79
C ASN B 250 5.22 25.30 -16.83
N PHE B 251 4.54 26.17 -17.58
CA PHE B 251 4.97 27.57 -17.62
C PHE B 251 4.54 28.33 -16.37
N ASP B 252 3.59 27.81 -15.60
CA ASP B 252 3.09 28.42 -14.36
C ASP B 252 2.42 29.76 -14.60
N GLN B 253 1.76 29.92 -15.74
CA GLN B 253 0.91 31.10 -15.86
C GLN B 253 -0.38 30.87 -15.07
N ASP B 254 -1.00 31.99 -14.68
CA ASP B 254 -2.32 32.00 -14.05
C ASP B 254 -2.35 31.18 -12.76
N ILE B 255 -1.45 31.53 -11.84
CA ILE B 255 -1.37 30.91 -10.53
C ILE B 255 -1.42 32.01 -9.48
N GLU B 256 -2.35 31.88 -8.53
CA GLU B 256 -2.39 32.75 -7.36
C GLU B 256 -2.59 31.87 -6.13
N PHE B 257 -1.62 31.89 -5.22
CA PHE B 257 -1.63 31.00 -4.08
C PHE B 257 -2.79 31.31 -3.15
N ARG B 258 -3.39 30.25 -2.60
CA ARG B 258 -4.30 30.38 -1.47
C ARG B 258 -3.53 30.41 -0.15
N ASP B 259 -4.01 31.22 0.79
CA ASP B 259 -3.35 31.31 2.09
C ASP B 259 -3.39 29.97 2.79
N ASP B 260 -2.22 29.41 3.07
CA ASP B 260 -2.12 28.20 3.88
C ASP B 260 -1.08 28.46 4.97
N GLN B 261 -1.56 28.58 6.21
CA GLN B 261 -0.68 28.92 7.33
C GLN B 261 0.13 27.71 7.78
N ALA B 262 -0.43 26.51 7.63
CA ALA B 262 0.34 25.30 7.91
C ALA B 262 1.54 25.20 6.96
N TYR B 263 1.31 25.43 5.67
CA TYR B 263 2.40 25.42 4.70
C TYR B 263 3.46 26.45 5.06
N ASP B 264 3.04 27.70 5.29
CA ASP B 264 3.97 28.78 5.59
C ASP B 264 4.85 28.42 6.79
N SER B 265 4.27 27.79 7.81
CA SER B 265 5.00 27.44 9.02
C SER B 265 5.97 26.29 8.81
N GLN B 266 5.88 25.58 7.69
CA GLN B 266 6.78 24.47 7.42
C GLN B 266 8.04 24.92 6.71
N ILE B 267 8.06 26.14 6.18
CA ILE B 267 9.19 26.61 5.41
C ILE B 267 10.33 26.94 6.36
N VAL B 268 11.50 26.34 6.13
CA VAL B 268 12.69 26.66 6.90
C VAL B 268 13.77 27.36 6.06
N ALA B 269 13.72 27.25 4.73
CA ALA B 269 14.62 28.02 3.88
C ALA B 269 13.90 28.32 2.58
N ASN B 270 14.23 29.48 2.00
CA ASN B 270 13.56 29.94 0.78
C ASN B 270 14.63 30.45 -0.17
N LEU B 271 14.88 29.70 -1.23
CA LEU B 271 15.89 30.01 -2.22
C LEU B 271 15.28 30.36 -3.58
N ALA B 272 13.97 30.59 -3.63
CA ALA B 272 13.29 30.87 -4.89
C ALA B 272 13.63 32.26 -5.41
N1 UDP C . -10.16 -17.23 17.38
C2 UDP C . -10.58 -16.79 18.60
N3 UDP C . -11.69 -17.42 19.10
C4 UDP C . -12.42 -18.43 18.50
C5 UDP C . -11.92 -18.84 17.23
C6 UDP C . -10.83 -18.23 16.71
O2 UDP C . -10.01 -15.90 19.22
O4 UDP C . -13.41 -18.90 19.08
C1' UDP C . -9.00 -16.54 16.76
C2' UDP C . -7.66 -17.28 16.72
O2' UDP C . -7.02 -17.24 18.00
C3' UDP C . -6.94 -16.47 15.63
C4' UDP C . -8.08 -15.98 14.71
O4' UDP C . -9.30 -16.30 15.41
O3' UDP C . -6.29 -15.30 16.15
C5' UDP C . -8.09 -16.58 13.33
O5' UDP C . -9.28 -16.23 12.57
PA UDP C . -9.56 -16.86 11.16
O1A UDP C . -9.83 -18.37 11.27
O2A UDP C . -10.60 -16.03 10.51
O3A UDP C . -8.13 -16.72 10.36
PB UDP C . -7.71 -16.85 8.84
O1B UDP C . -9.04 -17.10 8.12
O2B UDP C . -6.84 -18.12 8.82
O3B UDP C . -7.01 -15.61 8.35
N1 UDP D . 10.26 21.97 -10.49
C2 UDP D . 10.72 22.99 -9.70
N3 UDP D . 11.86 23.63 -10.17
C4 UDP D . 12.56 23.34 -11.32
C5 UDP D . 12.02 22.24 -12.08
C6 UDP D . 10.91 21.59 -11.64
O2 UDP D . 10.17 23.31 -8.66
O4 UDP D . 13.56 24.00 -11.62
C1' UDP D . 9.11 21.20 -9.99
C2' UDP D . 7.76 21.43 -10.63
O2' UDP D . 7.18 22.61 -10.07
C3' UDP D . 7.02 20.15 -10.18
C4' UDP D . 8.15 19.10 -10.15
O4' UDP D . 9.39 19.84 -10.21
O3' UDP D . 6.43 20.28 -8.89
C5' UDP D . 8.12 18.08 -11.26
O5' UDP D . 9.32 17.26 -11.23
PA UDP D . 9.52 16.10 -12.28
O1A UDP D . 10.60 15.23 -11.76
O2A UDP D . 9.72 16.66 -13.69
O3A UDP D . 8.11 15.30 -12.29
PB UDP D . 7.61 13.98 -13.03
O1B UDP D . 6.83 13.07 -12.11
O2B UDP D . 6.70 14.53 -14.18
O3B UDP D . 8.89 13.40 -13.63
#